data_4QF2
#
_entry.id   4QF2
#
_cell.length_a   72.014
_cell.length_b   72.014
_cell.length_c   99.061
_cell.angle_alpha   90.00
_cell.angle_beta   90.00
_cell.angle_gamma   90.00
#
_symmetry.space_group_name_H-M   'P 43 21 2'
#
loop_
_entity.id
_entity.type
_entity.pdbx_description
1 polymer 'Bromodomain adjacent to zinc finger domain protein 2A'
2 non-polymer 'ZINC ION'
3 non-polymer 'PHOSPHATE ION'
4 non-polymer GLYCEROL
5 water water
#
_entity_poly.entity_id   1
_entity_poly.type   'polypeptide(L)'
_entity_poly.pdbx_seq_one_letter_code
;HMSVNKVTCLVCRKGDNDEFLLLCDGCDRGCHIYCHRPKMEAVPEGDWFCTVCLAQQV
;
_entity_poly.pdbx_strand_id   A,B,C,D
#
loop_
_chem_comp.id
_chem_comp.type
_chem_comp.name
_chem_comp.formula
GOL non-polymer GLYCEROL 'C3 H8 O3'
PO4 non-polymer 'PHOSPHATE ION' 'O4 P -3'
ZN non-polymer 'ZINC ION' 'Zn 2'
#
# COMPACT_ATOMS: atom_id res chain seq x y z
N LYS A 6 9.42 -24.10 3.58
CA LYS A 6 10.50 -24.03 2.55
C LYS A 6 10.20 -22.93 1.55
N VAL A 7 10.91 -21.81 1.64
CA VAL A 7 10.64 -20.70 0.71
C VAL A 7 11.07 -21.08 -0.69
N THR A 8 10.22 -20.79 -1.69
CA THR A 8 10.63 -21.00 -3.08
C THR A 8 10.55 -19.69 -3.85
N CYS A 9 11.35 -19.60 -4.90
CA CYS A 9 11.37 -18.38 -5.71
C CYS A 9 10.13 -18.31 -6.60
N LEU A 10 9.50 -17.14 -6.61
CA LEU A 10 8.33 -16.91 -7.47
C LEU A 10 8.57 -17.04 -8.97
N VAL A 11 9.77 -16.70 -9.41
CA VAL A 11 10.12 -16.76 -10.81
C VAL A 11 10.45 -18.18 -11.27
N CYS A 12 11.44 -18.81 -10.66
CA CYS A 12 11.99 -20.09 -11.14
C CYS A 12 11.43 -21.29 -10.38
N ARG A 13 10.70 -21.02 -9.30
CA ARG A 13 10.03 -22.06 -8.47
C ARG A 13 10.97 -22.99 -7.68
N LYS A 14 12.26 -22.70 -7.67
CA LYS A 14 13.23 -23.47 -6.88
C LYS A 14 13.48 -22.79 -5.52
N GLY A 15 13.86 -23.60 -4.54
CA GLY A 15 14.22 -23.08 -3.23
C GLY A 15 15.70 -23.23 -2.90
N ASP A 16 16.54 -23.40 -3.93
CA ASP A 16 17.99 -23.55 -3.72
C ASP A 16 18.66 -22.19 -3.55
N ASN A 17 19.95 -22.18 -3.23
CA ASN A 17 20.72 -20.96 -3.00
C ASN A 17 19.99 -19.99 -2.09
N ASP A 18 19.60 -20.48 -0.91
CA ASP A 18 18.78 -19.63 -0.05
C ASP A 18 19.46 -18.34 0.44
N GLU A 19 20.80 -18.24 0.37
CA GLU A 19 21.47 -16.99 0.71
C GLU A 19 21.12 -15.90 -0.28
N PHE A 20 20.66 -16.32 -1.46
CA PHE A 20 20.28 -15.36 -2.52
C PHE A 20 18.79 -15.09 -2.61
N LEU A 21 18.03 -15.69 -1.70
CA LEU A 21 16.57 -15.60 -1.71
C LEU A 21 16.08 -14.38 -0.91
N LEU A 22 15.47 -13.42 -1.60
CA LEU A 22 14.75 -12.31 -0.95
C LEU A 22 13.52 -12.90 -0.33
N LEU A 23 13.17 -12.42 0.87
CA LEU A 23 11.96 -12.90 1.54
C LEU A 23 10.99 -11.73 1.72
N CYS A 24 9.74 -11.95 1.30
CA CYS A 24 8.73 -10.89 1.32
C CYS A 24 8.36 -10.61 2.76
N ASP A 25 8.27 -9.33 3.07
CA ASP A 25 7.84 -8.89 4.41
C ASP A 25 6.32 -8.89 4.62
N GLY A 26 5.57 -9.12 3.55
CA GLY A 26 4.11 -9.19 3.59
C GLY A 26 3.48 -10.58 3.54
N CYS A 27 4.26 -11.61 3.21
CA CYS A 27 3.75 -12.96 3.07
C CYS A 27 4.97 -13.87 3.11
N ASP A 28 4.76 -15.14 2.76
CA ASP A 28 5.83 -16.13 2.82
C ASP A 28 6.43 -16.41 1.46
N ARG A 29 6.19 -15.50 0.50
CA ARG A 29 6.76 -15.68 -0.84
C ARG A 29 8.20 -15.20 -0.90
N GLY A 30 8.92 -15.69 -1.91
CA GLY A 30 10.33 -15.31 -2.08
C GLY A 30 10.75 -15.11 -3.50
N CYS A 31 11.99 -14.64 -3.68
CA CYS A 31 12.53 -14.45 -5.04
C CYS A 31 14.05 -14.44 -4.97
N HIS A 32 14.73 -15.25 -5.80
CA HIS A 32 16.20 -15.14 -5.89
C HIS A 32 16.54 -13.72 -6.40
N ILE A 33 17.56 -13.11 -5.84
CA ILE A 33 18.02 -11.84 -6.41
C ILE A 33 18.38 -11.94 -7.88
N TYR A 34 18.92 -13.07 -8.31
CA TYR A 34 19.35 -13.24 -9.68
C TYR A 34 18.21 -13.49 -10.65
N CYS A 35 17.02 -13.81 -10.13
CA CYS A 35 15.82 -13.98 -10.94
C CYS A 35 15.02 -12.68 -11.06
N HIS A 36 15.28 -11.73 -10.17
CA HIS A 36 14.57 -10.46 -10.18
C HIS A 36 14.94 -9.64 -11.40
N ARG A 37 13.93 -8.97 -11.96
CA ARG A 37 14.12 -7.95 -12.99
C ARG A 37 13.20 -6.78 -12.58
N PRO A 38 13.76 -5.57 -12.44
CA PRO A 38 15.12 -5.14 -12.77
C PRO A 38 16.23 -5.76 -11.89
N LYS A 39 17.45 -5.57 -12.34
CA LYS A 39 18.62 -6.19 -11.69
C LYS A 39 18.67 -5.85 -10.22
N MET A 40 18.87 -6.89 -9.40
CA MET A 40 19.06 -6.77 -7.95
C MET A 40 20.36 -7.46 -7.61
N GLU A 41 21.40 -6.66 -7.31
CA GLU A 41 22.78 -7.23 -7.06
C GLU A 41 22.99 -7.75 -5.64
N ALA A 42 22.13 -7.41 -4.71
CA ALA A 42 22.26 -7.85 -3.37
C ALA A 42 20.88 -7.88 -2.67
N VAL A 43 20.79 -8.69 -1.61
CA VAL A 43 19.58 -8.71 -0.78
C VAL A 43 19.51 -7.36 -0.05
N PRO A 44 18.40 -6.60 -0.20
CA PRO A 44 18.38 -5.30 0.49
C PRO A 44 18.11 -5.41 1.98
N GLU A 45 18.43 -4.35 2.67
CA GLU A 45 18.04 -4.23 4.07
C GLU A 45 16.75 -3.44 4.13
N GLY A 46 16.12 -3.43 5.29
CA GLY A 46 14.75 -2.95 5.35
C GLY A 46 13.89 -3.88 4.52
N ASP A 47 12.83 -3.36 3.93
CA ASP A 47 11.76 -4.24 3.46
C ASP A 47 11.63 -4.42 1.96
N TRP A 48 11.27 -5.64 1.58
CA TRP A 48 11.01 -5.98 0.19
C TRP A 48 9.62 -6.63 0.12
N PHE A 49 8.82 -6.19 -0.86
CA PHE A 49 7.51 -6.78 -1.09
C PHE A 49 7.44 -7.41 -2.45
N CYS A 50 6.90 -8.61 -2.45
CA CYS A 50 6.62 -9.32 -3.64
C CYS A 50 5.45 -8.68 -4.36
N THR A 51 5.27 -9.08 -5.61
CA THR A 51 4.21 -8.55 -6.45
C THR A 51 2.79 -8.79 -5.97
N VAL A 52 2.55 -9.89 -5.26
CA VAL A 52 1.24 -10.20 -4.72
C VAL A 52 0.92 -9.16 -3.65
N CYS A 53 1.89 -8.92 -2.79
CA CYS A 53 1.76 -7.86 -1.77
C CYS A 53 1.68 -6.43 -2.34
N LEU A 54 2.45 -6.11 -3.38
CA LEU A 54 2.32 -4.80 -4.03
C LEU A 54 0.91 -4.59 -4.54
N ALA A 55 0.29 -5.67 -4.97
CA ALA A 55 -1.09 -5.57 -5.49
C ALA A 55 -2.13 -5.32 -4.40
N GLN A 56 -1.79 -5.49 -3.14
CA GLN A 56 -2.67 -5.16 -2.00
C GLN A 56 -2.54 -3.71 -1.50
N GLN A 57 -1.50 -2.99 -1.96
CA GLN A 57 -1.26 -1.64 -1.46
C GLN A 57 -2.29 -0.68 -1.95
N VAL A 58 -2.45 0.42 -1.24
CA VAL A 58 -3.27 1.51 -1.74
C VAL A 58 -2.49 2.80 -1.46
N LYS B 6 -20.47 24.94 7.57
CA LYS B 6 -20.56 24.48 8.98
C LYS B 6 -19.57 23.34 9.24
N VAL B 7 -19.74 22.24 8.50
CA VAL B 7 -18.90 21.04 8.67
C VAL B 7 -17.46 21.33 8.25
N THR B 8 -16.51 20.93 9.09
CA THR B 8 -15.09 21.05 8.80
C THR B 8 -14.42 19.67 8.86
N CYS B 9 -13.27 19.59 8.23
CA CYS B 9 -12.51 18.36 8.21
C CYS B 9 -11.81 18.09 9.55
N LEU B 10 -11.98 16.88 10.07
CA LEU B 10 -11.25 16.46 11.28
C LEU B 10 -9.74 16.65 11.23
N VAL B 11 -9.16 16.47 10.06
CA VAL B 11 -7.72 16.40 9.87
C VAL B 11 -7.13 17.78 9.73
N CYS B 12 -7.66 18.59 8.80
CA CYS B 12 -7.05 19.88 8.44
C CYS B 12 -7.81 21.10 9.01
N ARG B 13 -8.98 20.84 9.58
CA ARG B 13 -9.83 21.87 10.19
C ARG B 13 -10.48 22.93 9.27
N LYS B 14 -10.48 22.68 7.96
CA LYS B 14 -11.06 23.57 6.97
C LYS B 14 -12.33 22.96 6.38
N GLY B 15 -13.20 23.82 5.89
CA GLY B 15 -14.45 23.36 5.28
C GLY B 15 -14.51 23.66 3.80
N ASP B 16 -13.36 23.87 3.19
CA ASP B 16 -13.34 24.12 1.75
C ASP B 16 -13.51 22.85 0.92
N ASN B 17 -13.73 23.07 -0.38
CA ASN B 17 -13.82 22.00 -1.39
C ASN B 17 -14.79 20.96 -0.89
N ASP B 18 -16.01 21.40 -0.55
CA ASP B 18 -16.99 20.54 0.11
C ASP B 18 -17.54 19.38 -0.73
N GLU B 19 -17.29 19.36 -2.04
CA GLU B 19 -17.57 18.18 -2.84
C GLU B 19 -16.75 16.96 -2.40
N PHE B 20 -15.67 17.21 -1.67
CA PHE B 20 -14.70 16.18 -1.27
C PHE B 20 -14.78 15.90 0.22
N LEU B 21 -15.73 16.52 0.90
CA LEU B 21 -15.86 16.40 2.33
C LEU B 21 -16.84 15.30 2.67
N LEU B 22 -16.30 14.16 3.10
CA LEU B 22 -17.07 12.99 3.51
C LEU B 22 -17.68 13.30 4.88
N LEU B 23 -18.99 13.10 4.97
CA LEU B 23 -19.78 13.39 6.16
C LEU B 23 -20.03 12.14 6.99
N CYS B 24 -19.75 12.25 8.29
CA CYS B 24 -19.98 11.18 9.22
C CYS B 24 -21.50 10.94 9.38
N ASP B 25 -21.89 9.68 9.43
CA ASP B 25 -23.29 9.30 9.51
C ASP B 25 -23.71 9.17 10.97
N GLY B 26 -22.74 9.20 11.89
CA GLY B 26 -23.03 9.23 13.33
C GLY B 26 -23.03 10.57 14.03
N CYS B 27 -22.35 11.56 13.45
CA CYS B 27 -22.20 12.87 14.07
C CYS B 27 -22.04 13.99 13.06
N ASP B 28 -21.67 15.18 13.54
CA ASP B 28 -21.57 16.35 12.67
C ASP B 28 -20.20 16.50 12.01
N ARG B 29 -19.30 15.56 12.21
CA ARG B 29 -17.92 15.72 11.73
C ARG B 29 -17.76 15.29 10.26
N GLY B 30 -16.63 15.69 9.70
CA GLY B 30 -16.33 15.32 8.31
C GLY B 30 -14.84 15.12 8.13
N CYS B 31 -14.49 14.71 6.93
CA CYS B 31 -13.12 14.50 6.55
C CYS B 31 -13.01 14.67 5.05
N HIS B 32 -12.07 15.49 4.57
CA HIS B 32 -11.81 15.52 3.15
C HIS B 32 -11.26 14.17 2.75
N ILE B 33 -11.69 13.68 1.60
CA ILE B 33 -11.14 12.38 1.15
C ILE B 33 -9.63 12.48 0.98
N TYR B 34 -9.16 13.66 0.56
CA TYR B 34 -7.75 13.90 0.36
C TYR B 34 -6.92 14.04 1.59
N CYS B 35 -7.56 14.27 2.73
CA CYS B 35 -6.85 14.27 4.02
C CYS B 35 -6.81 12.86 4.68
N HIS B 36 -7.60 11.91 4.17
CA HIS B 36 -7.69 10.61 4.79
C HIS B 36 -6.45 9.81 4.51
N ARG B 37 -6.03 9.05 5.52
CA ARG B 37 -4.93 8.04 5.35
C ARG B 37 -5.35 6.80 6.12
N PRO B 38 -5.49 5.65 5.45
CA PRO B 38 -5.05 5.32 4.10
C PRO B 38 -5.79 6.06 2.96
N LYS B 39 -5.21 5.95 1.74
CA LYS B 39 -5.71 6.67 0.59
C LYS B 39 -7.17 6.39 0.34
N MET B 40 -7.94 7.45 0.17
CA MET B 40 -9.36 7.38 -0.13
C MET B 40 -9.58 8.13 -1.46
N GLU B 41 -9.68 7.40 -2.58
CA GLU B 41 -9.69 8.08 -3.86
C GLU B 41 -11.02 8.69 -4.26
N ALA B 42 -12.09 8.31 -3.59
CA ALA B 42 -13.46 8.70 -3.86
C ALA B 42 -14.30 8.75 -2.58
N VAL B 43 -15.37 9.55 -2.59
CA VAL B 43 -16.25 9.59 -1.46
C VAL B 43 -16.97 8.24 -1.38
N PRO B 44 -16.83 7.52 -0.25
CA PRO B 44 -17.55 6.24 -0.18
C PRO B 44 -19.04 6.37 -0.18
N GLU B 45 -19.67 5.37 -0.78
CA GLU B 45 -21.12 5.19 -0.71
C GLU B 45 -21.52 4.48 0.57
N GLY B 46 -22.81 4.39 0.82
CA GLY B 46 -23.30 3.85 2.06
C GLY B 46 -22.88 4.68 3.26
N ASP B 47 -22.66 4.01 4.38
CA ASP B 47 -22.44 4.69 5.66
C ASP B 47 -20.95 4.78 5.98
N TRP B 48 -20.56 5.88 6.62
CA TRP B 48 -19.19 6.06 7.06
C TRP B 48 -19.22 6.67 8.44
N PHE B 49 -18.41 6.14 9.34
CA PHE B 49 -18.33 6.66 10.70
C PHE B 49 -16.90 7.09 10.98
N CYS B 50 -16.79 8.29 11.52
CA CYS B 50 -15.50 8.88 11.86
C CYS B 50 -14.90 8.18 13.06
N THR B 51 -13.65 8.49 13.33
CA THR B 51 -12.89 7.78 14.35
C THR B 51 -13.38 8.17 15.74
N VAL B 52 -13.94 9.36 15.87
CA VAL B 52 -14.57 9.74 17.14
C VAL B 52 -15.80 8.87 17.44
N CYS B 53 -16.71 8.74 16.46
CA CYS B 53 -17.80 7.78 16.56
C CYS B 53 -17.35 6.33 16.79
N LEU B 54 -16.27 5.88 16.14
CA LEU B 54 -15.79 4.50 16.28
C LEU B 54 -15.19 4.22 17.66
N ALA B 55 -14.68 5.26 18.29
CA ALA B 55 -14.15 5.17 19.66
C ALA B 55 -15.26 4.87 20.69
N GLN B 56 -16.50 5.28 20.37
CA GLN B 56 -17.67 5.01 21.22
C GLN B 56 -18.51 3.88 20.66
N LYS C 6 11.22 11.82 -19.02
CA LYS C 6 10.60 10.88 -20.02
C LYS C 6 10.88 9.46 -19.56
N VAL C 7 9.88 8.79 -19.02
CA VAL C 7 10.18 7.57 -18.24
C VAL C 7 10.50 6.40 -19.16
N THR C 8 11.54 5.63 -18.83
CA THR C 8 11.85 4.47 -19.62
C THR C 8 12.02 3.25 -18.72
N CYS C 9 11.88 2.11 -19.36
CA CYS C 9 11.89 0.83 -18.64
C CYS C 9 13.33 0.39 -18.38
N LEU C 10 13.65 0.14 -17.12
CA LEU C 10 14.97 -0.40 -16.74
C LEU C 10 15.33 -1.73 -17.40
N VAL C 11 14.32 -2.53 -17.71
CA VAL C 11 14.56 -3.85 -18.27
C VAL C 11 14.77 -3.82 -19.76
N CYS C 12 13.85 -3.24 -20.53
CA CYS C 12 13.90 -3.25 -21.99
C CYS C 12 14.41 -1.96 -22.62
N ARG C 13 14.57 -0.94 -21.78
CA ARG C 13 15.07 0.36 -22.17
C ARG C 13 14.12 1.20 -23.03
N LYS C 14 12.86 0.79 -23.19
CA LYS C 14 11.89 1.54 -24.01
C LYS C 14 10.96 2.34 -23.13
N GLY C 15 10.43 3.43 -23.70
CA GLY C 15 9.41 4.21 -23.01
C GLY C 15 7.99 4.08 -23.62
N ASP C 16 7.79 3.05 -24.41
CA ASP C 16 6.51 2.80 -25.07
C ASP C 16 5.50 2.26 -24.08
N ASN C 17 4.24 2.24 -24.52
CA ASN C 17 3.15 1.72 -23.70
C ASN C 17 3.16 2.30 -22.29
N ASP C 18 3.13 3.63 -22.22
CA ASP C 18 3.41 4.25 -20.91
C ASP C 18 2.34 4.09 -19.87
N GLU C 19 1.14 3.63 -20.25
CA GLU C 19 0.14 3.26 -19.27
C GLU C 19 0.54 2.04 -18.42
N PHE C 20 1.53 1.30 -18.89
CA PHE C 20 2.00 0.10 -18.25
C PHE C 20 3.37 0.29 -17.62
N LEU C 21 3.87 1.52 -17.61
CA LEU C 21 5.16 1.82 -16.95
C LEU C 21 4.94 2.21 -15.50
N LEU C 22 5.59 1.48 -14.60
CA LEU C 22 5.66 1.84 -13.20
C LEU C 22 6.71 2.94 -13.13
N LEU C 23 6.44 3.98 -12.35
CA LEU C 23 7.42 5.00 -12.08
C LEU C 23 7.85 4.86 -10.63
N CYS C 24 9.16 4.84 -10.41
CA CYS C 24 9.68 4.66 -9.09
C CYS C 24 9.27 5.85 -8.24
N ASP C 25 8.90 5.56 -6.99
CA ASP C 25 8.59 6.65 -6.07
C ASP C 25 9.79 7.43 -5.49
N GLY C 26 10.99 6.89 -5.62
CA GLY C 26 12.16 7.56 -5.14
C GLY C 26 13.10 8.14 -6.15
N CYS C 27 12.89 7.83 -7.42
CA CYS C 27 13.77 8.36 -8.48
C CYS C 27 13.06 8.43 -9.79
N ASP C 28 13.81 8.73 -10.86
CA ASP C 28 13.23 8.90 -12.18
C ASP C 28 13.07 7.61 -13.00
N ARG C 29 13.47 6.48 -12.42
CA ARG C 29 13.49 5.22 -13.15
C ARG C 29 12.10 4.59 -13.23
N GLY C 30 11.91 3.78 -14.26
CA GLY C 30 10.66 3.04 -14.51
C GLY C 30 10.84 1.58 -14.87
N CYS C 31 9.71 0.89 -15.03
CA CYS C 31 9.71 -0.50 -15.42
C CYS C 31 8.32 -0.86 -15.94
N HIS C 32 8.24 -1.49 -17.10
CA HIS C 32 6.92 -1.99 -17.50
C HIS C 32 6.48 -3.13 -16.61
N ILE C 33 5.19 -3.19 -16.32
CA ILE C 33 4.71 -4.27 -15.45
C ILE C 33 4.96 -5.63 -16.10
N TYR C 34 4.93 -5.65 -17.43
CA TYR C 34 5.20 -6.88 -18.14
C TYR C 34 6.65 -7.34 -18.29
N CYS C 35 7.61 -6.42 -18.07
CA CYS C 35 9.05 -6.69 -18.01
C CYS C 35 9.55 -7.09 -16.59
N HIS C 36 8.82 -6.68 -15.57
CA HIS C 36 9.12 -7.02 -14.18
C HIS C 36 9.13 -8.51 -13.98
N ARG C 37 10.09 -8.95 -13.18
CA ARG C 37 10.08 -10.30 -12.65
C ARG C 37 10.37 -10.19 -11.19
N PRO C 38 9.47 -10.70 -10.32
CA PRO C 38 8.29 -11.46 -10.63
C PRO C 38 7.24 -10.73 -11.43
N LYS C 39 6.36 -11.51 -12.03
CA LYS C 39 5.38 -10.93 -12.90
C LYS C 39 4.36 -10.07 -12.14
N MET C 40 4.00 -8.96 -12.78
CA MET C 40 2.91 -8.11 -12.28
C MET C 40 1.79 -8.00 -13.27
N GLU C 41 0.58 -8.28 -12.80
CA GLU C 41 -0.60 -8.24 -13.68
C GLU C 41 -1.21 -6.85 -13.89
N ALA C 42 -0.90 -5.94 -13.00
CA ALA C 42 -1.42 -4.58 -13.05
C ALA C 42 -0.47 -3.58 -12.40
N VAL C 43 -0.65 -2.28 -12.70
CA VAL C 43 0.17 -1.25 -12.08
C VAL C 43 -0.32 -1.16 -10.63
N PRO C 44 0.58 -1.37 -9.67
CA PRO C 44 0.06 -1.26 -8.31
C PRO C 44 -0.18 0.18 -7.89
N GLU C 45 -1.04 0.30 -6.89
CA GLU C 45 -1.12 1.52 -6.13
C GLU C 45 -0.12 1.61 -4.98
N GLY C 46 -0.12 2.76 -4.33
CA GLY C 46 0.81 3.00 -3.24
C GLY C 46 2.17 3.19 -3.88
N ASP C 47 3.21 2.74 -3.21
CA ASP C 47 4.58 3.02 -3.66
C ASP C 47 5.27 1.79 -4.28
N TRP C 48 5.97 2.00 -5.39
CA TRP C 48 6.84 0.97 -5.96
C TRP C 48 8.22 1.57 -6.01
N PHE C 49 9.24 0.79 -5.64
CA PHE C 49 10.61 1.28 -5.60
C PHE C 49 11.44 0.42 -6.49
N CYS C 50 12.28 1.06 -7.27
CA CYS C 50 13.12 0.35 -8.16
C CYS C 50 14.24 -0.28 -7.33
N THR C 51 15.03 -1.11 -7.95
CA THR C 51 16.07 -1.86 -7.23
C THR C 51 17.20 -0.96 -6.78
N VAL C 52 17.42 0.15 -7.47
CA VAL C 52 18.46 1.09 -7.03
C VAL C 52 18.05 1.76 -5.74
N CYS C 53 16.80 2.22 -5.70
CA CYS C 53 16.22 2.80 -4.46
C CYS C 53 16.13 1.77 -3.32
N LEU C 54 15.77 0.53 -3.64
CA LEU C 54 15.76 -0.53 -2.60
C LEU C 54 17.15 -0.76 -2.03
N ALA C 55 18.18 -0.61 -2.86
CA ALA C 55 19.57 -0.84 -2.45
C ALA C 55 20.04 0.27 -1.48
N GLN C 56 19.39 1.43 -1.50
CA GLN C 56 19.73 2.50 -0.55
C GLN C 56 19.05 2.40 0.82
N GLN C 57 17.85 1.84 0.89
CA GLN C 57 17.16 1.65 2.17
C GLN C 57 17.92 0.65 3.06
N LYS D 6 0.87 -12.15 7.64
CA LYS D 6 1.73 -11.00 8.04
C LYS D 6 1.07 -9.67 7.75
N VAL D 7 0.38 -9.11 8.74
CA VAL D 7 -0.40 -7.90 8.48
C VAL D 7 0.53 -6.73 8.30
N THR D 8 0.28 -5.92 7.27
CA THR D 8 1.13 -4.74 7.11
C THR D 8 0.27 -3.49 6.98
N CYS D 9 0.82 -2.37 7.44
CA CYS D 9 0.10 -1.10 7.44
C CYS D 9 0.04 -0.52 6.04
N LEU D 10 -1.18 -0.16 5.62
CA LEU D 10 -1.40 0.46 4.31
C LEU D 10 -0.70 1.82 4.18
N VAL D 11 -0.52 2.52 5.30
CA VAL D 11 0.02 3.88 5.26
C VAL D 11 1.54 3.87 5.19
N CYS D 12 2.16 3.14 6.12
CA CYS D 12 3.60 3.20 6.24
C CYS D 12 4.35 1.99 5.67
N ARG D 13 3.62 0.96 5.27
CA ARG D 13 4.17 -0.26 4.68
C ARG D 13 4.93 -1.14 5.66
N LYS D 14 4.79 -0.92 6.95
CA LYS D 14 5.49 -1.75 7.93
C LYS D 14 4.51 -2.63 8.69
N GLY D 15 5.04 -3.72 9.23
CA GLY D 15 4.25 -4.70 9.97
C GLY D 15 4.65 -4.77 11.44
N ASP D 16 5.38 -3.76 11.89
CA ASP D 16 5.89 -3.74 13.28
C ASP D 16 4.81 -3.28 14.26
N ASN D 17 5.10 -3.44 15.54
CA ASN D 17 4.19 -2.96 16.58
C ASN D 17 2.78 -3.49 16.37
N ASP D 18 2.63 -4.82 16.27
CA ASP D 18 1.36 -5.41 15.88
C ASP D 18 0.20 -5.25 16.88
N GLU D 19 0.46 -4.92 18.15
CA GLU D 19 -0.67 -4.56 19.04
C GLU D 19 -1.37 -3.27 18.66
N PHE D 20 -0.69 -2.47 17.86
CA PHE D 20 -1.25 -1.21 17.33
C PHE D 20 -1.77 -1.35 15.90
N LEU D 21 -1.68 -2.54 15.33
CA LEU D 21 -2.01 -2.75 13.91
C LEU D 21 -3.44 -3.25 13.80
N LEU D 22 -4.30 -2.47 13.19
CA LEU D 22 -5.68 -2.89 12.86
C LEU D 22 -5.68 -3.87 11.72
N LEU D 23 -6.54 -4.89 11.81
CA LEU D 23 -6.81 -5.75 10.65
C LEU D 23 -8.21 -5.44 10.13
N CYS D 24 -8.31 -5.19 8.84
CA CYS D 24 -9.58 -4.89 8.25
C CYS D 24 -10.58 -6.01 8.46
N ASP D 25 -11.80 -5.64 8.78
CA ASP D 25 -12.86 -6.64 8.91
C ASP D 25 -13.41 -7.16 7.58
N GLY D 26 -12.97 -6.57 6.47
CA GLY D 26 -13.43 -6.91 5.15
C GLY D 26 -12.39 -7.60 4.29
N CYS D 27 -11.12 -7.52 4.70
CA CYS D 27 -10.02 -8.04 3.87
C CYS D 27 -8.77 -8.23 4.72
N ASP D 28 -7.63 -8.54 4.09
CA ASP D 28 -6.40 -8.83 4.84
C ASP D 28 -5.48 -7.63 5.02
N ARG D 29 -5.95 -6.47 4.62
CA ARG D 29 -5.18 -5.25 4.77
C ARG D 29 -5.20 -4.73 6.22
N GLY D 30 -4.19 -3.93 6.58
CA GLY D 30 -4.12 -3.38 7.93
C GLY D 30 -3.70 -1.93 7.98
N CYS D 31 -3.71 -1.38 9.18
CA CYS D 31 -3.26 -0.02 9.39
C CYS D 31 -2.93 0.18 10.86
N HIS D 32 -1.82 0.84 11.15
CA HIS D 32 -1.57 1.18 12.54
C HIS D 32 -2.53 2.25 13.00
N ILE D 33 -2.96 2.13 14.23
CA ILE D 33 -3.86 3.16 14.76
C ILE D 33 -3.20 4.55 14.73
N TYR D 34 -1.88 4.61 14.89
CA TYR D 34 -1.16 5.88 14.85
C TYR D 34 -0.87 6.46 13.48
N CYS D 35 -1.04 5.65 12.41
CA CYS D 35 -0.88 6.08 11.04
C CYS D 35 -2.20 6.56 10.45
N HIS D 36 -3.30 6.14 11.03
CA HIS D 36 -4.62 6.49 10.49
C HIS D 36 -4.87 8.00 10.60
N ARG D 37 -5.47 8.57 9.55
CA ARG D 37 -6.00 9.93 9.58
C ARG D 37 -7.41 9.86 8.96
N PRO D 38 -8.45 10.28 9.70
CA PRO D 38 -8.41 10.93 11.02
C PRO D 38 -7.83 10.06 12.12
N LYS D 39 -7.34 10.72 13.15
CA LYS D 39 -6.57 10.07 14.17
C LYS D 39 -7.39 9.15 15.05
N MET D 40 -6.74 8.07 15.50
CA MET D 40 -7.29 7.18 16.48
C MET D 40 -6.42 7.19 17.69
N GLU D 41 -7.03 7.01 18.86
CA GLU D 41 -6.25 6.97 20.11
C GLU D 41 -6.04 5.54 20.62
N ALA D 42 -6.92 4.65 20.21
CA ALA D 42 -6.97 3.28 20.64
C ALA D 42 -7.58 2.39 19.56
N VAL D 43 -7.39 1.09 19.71
CA VAL D 43 -8.02 0.15 18.82
C VAL D 43 -9.53 0.28 19.02
N PRO D 44 -10.32 0.34 17.93
CA PRO D 44 -11.78 0.40 18.12
C PRO D 44 -12.41 -0.91 18.61
N GLU D 45 -13.53 -0.80 19.33
CA GLU D 45 -14.23 -2.00 19.81
C GLU D 45 -15.00 -2.66 18.67
N GLY D 46 -15.65 -1.85 17.86
CA GLY D 46 -16.38 -2.33 16.68
C GLY D 46 -15.52 -2.76 15.49
N ASP D 47 -16.14 -2.77 14.32
CA ASP D 47 -15.43 -3.10 13.08
C ASP D 47 -14.71 -1.87 12.49
N TRP D 48 -13.61 -2.14 11.83
CA TRP D 48 -12.86 -1.09 11.16
C TRP D 48 -12.66 -1.59 9.74
N PHE D 49 -12.90 -0.70 8.77
CA PHE D 49 -12.68 -1.06 7.36
C PHE D 49 -11.64 -0.15 6.74
N CYS D 50 -10.78 -0.76 5.94
CA CYS D 50 -9.79 -0.04 5.17
C CYS D 50 -10.50 0.66 4.04
N THR D 51 -9.78 1.51 3.31
CA THR D 51 -10.40 2.29 2.30
C THR D 51 -10.75 1.49 1.04
N VAL D 52 -10.08 0.36 0.82
CA VAL D 52 -10.46 -0.51 -0.28
C VAL D 52 -11.87 -1.05 -0.05
N CYS D 53 -12.10 -1.47 1.19
CA CYS D 53 -13.40 -2.03 1.59
C CYS D 53 -14.48 -0.93 1.61
N LEU D 54 -14.11 0.26 2.06
CA LEU D 54 -15.05 1.37 2.02
C LEU D 54 -15.53 1.66 0.60
N ALA D 55 -14.59 1.53 -0.35
CA ALA D 55 -14.84 1.75 -1.77
C ALA D 55 -15.77 0.68 -2.38
N GLN D 56 -15.96 -0.46 -1.70
CA GLN D 56 -16.91 -1.49 -2.09
C GLN D 56 -18.33 -1.31 -1.59
N GLN D 57 -18.54 -0.39 -0.65
CA GLN D 57 -19.85 -0.14 -0.10
C GLN D 57 -20.81 0.46 -1.09
N VAL D 58 -22.10 0.22 -0.84
CA VAL D 58 -23.18 0.88 -1.56
C VAL D 58 -24.23 1.41 -0.58
ZN ZN E . 14.69 -18.05 -8.78
ZN ZN F . 4.39 -10.91 -0.41
P PO4 G . 17.41 -11.58 -19.25
O1 PO4 G . 16.53 -10.72 -18.35
O2 PO4 G . 18.42 -12.38 -18.44
O3 PO4 G . 16.51 -12.52 -19.98
O4 PO4 G . 18.20 -10.69 -20.18
ZN ZN H . -9.07 18.23 5.28
ZN ZN I . -18.75 10.84 13.75
P PO4 J . 1.48 12.28 2.82
O1 PO4 J . 1.49 13.08 4.11
O2 PO4 J . 2.90 11.92 2.45
O3 PO4 J . 0.72 11.01 3.10
O4 PO4 J . 0.81 13.09 1.70
ZN ZN K . 10.11 -2.85 -20.50
ZN ZN L . 14.19 4.38 -7.79
C1 GOL M . 8.28 -14.17 -20.62
O1 GOL M . 7.54 -14.36 -21.84
C2 GOL M . 8.66 -15.49 -19.91
O2 GOL M . 7.51 -16.20 -19.46
C3 GOL M . 9.49 -15.26 -18.65
O3 GOL M . 10.87 -14.96 -18.93
ZN ZN N . 1.71 2.38 9.80
ZN ZN O . -10.36 -4.02 3.73
P PO4 P . -0.09 15.02 11.74
O1 PO4 P . 0.64 14.19 12.79
O2 PO4 P . 0.86 15.64 10.73
O3 PO4 P . -1.07 14.21 10.92
O4 PO4 P . -0.82 16.09 12.56
#